data_4OYM
#
_entry.id   4OYM
#
_cell.length_a   99.343
_cell.length_b   99.343
_cell.length_c   97.964
_cell.angle_alpha   90.00
_cell.angle_beta   90.00
_cell.angle_gamma   120.00
#
_symmetry.space_group_name_H-M   'P 63'
#
loop_
_entity.id
_entity.type
_entity.pdbx_description
1 polymer 'Adenylate cyclase type 10'
2 non-polymer (4-azanyl-1,2,5-oxadiazol-3-yl)-(3-methoxyphenyl)methanone
3 non-polymer GLYCEROL
4 water water
#
_entity_poly.entity_id   1
_entity_poly.type   'polypeptide(L)'
_entity_poly.pdbx_seq_one_letter_code
;(ACE)MNTPKEEFQDWPIVRIAAHLPDLIVYGHFSPERPFMDYFDGVLMFVDISGFTAMTEKFSSAMYMDRGAEQLVEIL
NYHISAIVEKVLIFGGDILKFAGDALLALWRVERKQLKNIITVVIKCSLEIHGLFETQEWEEGLDIRVKIGLAAGHISML
VFGDETHSHFLVIGQAVDDVRLAQNMAQMNDVILSPNCWQLCDRSMIEIESVPDQRAVKVNFLKPPPNFNFDEFFTKCTT
FMHYYPSGEHKNLLRLA(CME)TLKPDPELEMSLQKYVMESILKQIDNKQLQGYLSELRPVTIVFVNLMFEDQDKAEEIG
PAIQDAYMHITSVLKIFQGQINKVFMFDKGCSFLCVFGFPGEKVPDELTHALECAMDIFDFCSQVHKIQTVSIGVASGIV
FCGIVGHTVRHEYTVIGQKVNLAARMMMYYPGIVTCDSVTYNGSNLPAYFFKELPKKVMKGVADSGPLYQYWGRTEKV
;
_entity_poly.pdbx_strand_id   A
#
loop_
_chem_comp.id
_chem_comp.type
_chem_comp.name
_chem_comp.formula
1ZC non-polymer (4-azanyl-1,2,5-oxadiazol-3-yl)-(3-methoxyphenyl)methanone 'C10 H9 N3 O3'
ACE non-polymer 'ACETYL GROUP' 'C2 H4 O'
GOL non-polymer GLYCEROL 'C3 H8 O3'
#
# COMPACT_ATOMS: atom_id res chain seq x y z
C ACE A 1 -23.16 46.02 1.76
O ACE A 1 -22.08 46.61 1.69
CH3 ACE A 1 -24.44 46.56 1.06
N MET A 2 -23.34 44.90 2.44
CA MET A 2 -22.26 44.26 3.17
C MET A 2 -21.24 43.62 2.27
N ASN A 3 -19.99 43.57 2.73
CA ASN A 3 -18.96 42.83 2.02
C ASN A 3 -19.22 41.35 2.00
N THR A 4 -18.64 40.65 1.02
CA THR A 4 -18.76 39.20 0.88
C THR A 4 -17.34 38.65 0.73
N PRO A 5 -16.53 38.59 1.81
CA PRO A 5 -15.21 37.94 1.69
C PRO A 5 -15.37 36.46 1.31
N LYS A 6 -14.66 36.01 0.27
CA LYS A 6 -14.71 34.61 -0.20
C LYS A 6 -13.66 33.72 0.48
N GLU A 7 -13.30 32.58 -0.16
CA GLU A 7 -12.46 31.47 0.35
C GLU A 7 -12.96 30.89 1.67
N GLU A 8 -13.71 29.77 1.58
CA GLU A 8 -13.96 28.92 2.75
C GLU A 8 -12.59 28.48 3.30
N PHE A 9 -12.44 28.47 4.64
CA PHE A 9 -11.26 27.89 5.28
C PHE A 9 -11.32 26.38 5.09
N GLN A 10 -10.25 25.77 4.54
CA GLN A 10 -10.24 24.32 4.36
C GLN A 10 -9.05 23.63 5.06
N ASP A 11 -8.34 24.30 6.01
CA ASP A 11 -7.15 23.64 6.54
C ASP A 11 -7.30 23.08 7.96
N TRP A 12 -8.50 22.61 8.27
CA TRP A 12 -8.77 22.03 9.60
C TRP A 12 -8.02 20.69 9.85
N PRO A 13 -7.72 20.34 11.12
CA PRO A 13 -7.18 19.00 11.41
C PRO A 13 -7.93 17.85 10.73
N ILE A 14 -9.25 17.89 10.74
CA ILE A 14 -10.01 16.78 10.12
C ILE A 14 -9.67 16.63 8.60
N VAL A 15 -9.47 17.76 7.91
CA VAL A 15 -9.11 17.73 6.47
C VAL A 15 -7.69 17.14 6.32
N ARG A 16 -6.76 17.60 7.20
CA ARG A 16 -5.38 17.08 7.13
C ARG A 16 -5.34 15.55 7.39
N ILE A 17 -6.12 15.10 8.36
CA ILE A 17 -6.28 13.65 8.58
C ILE A 17 -6.83 12.91 7.33
N ALA A 18 -7.87 13.49 6.72
CA ALA A 18 -8.53 12.84 5.57
C ALA A 18 -7.55 12.66 4.42
N ALA A 19 -6.51 13.53 4.32
CA ALA A 19 -5.53 13.32 3.25
C ALA A 19 -4.88 11.95 3.29
N HIS A 20 -4.77 11.37 4.51
CA HIS A 20 -4.08 10.09 4.70
C HIS A 20 -4.98 8.86 4.42
N LEU A 21 -6.26 9.12 3.95
CA LEU A 21 -7.24 8.05 3.82
C LEU A 21 -8.05 8.14 2.52
N PRO A 22 -8.51 6.98 1.99
CA PRO A 22 -9.36 7.00 0.80
C PRO A 22 -10.78 7.40 1.20
N ASP A 23 -11.57 7.84 0.20
CA ASP A 23 -13.00 8.05 0.35
C ASP A 23 -13.76 6.83 0.87
N LEU A 24 -13.28 5.62 0.51
CA LEU A 24 -13.82 4.34 1.02
C LEU A 24 -13.94 4.40 2.57
N ILE A 25 -12.97 5.07 3.23
CA ILE A 25 -12.96 5.24 4.67
C ILE A 25 -13.58 6.57 5.12
N VAL A 26 -13.14 7.70 4.49
CA VAL A 26 -13.61 9.02 4.92
C VAL A 26 -15.15 9.11 4.90
N TYR A 27 -15.76 8.57 3.82
CA TYR A 27 -17.21 8.67 3.66
C TYR A 27 -17.93 7.35 4.01
N GLY A 28 -17.23 6.45 4.69
CA GLY A 28 -17.74 5.10 4.96
C GLY A 28 -18.92 4.90 5.89
N HIS A 29 -19.03 5.64 7.00
CA HIS A 29 -20.06 5.38 8.09
C HIS A 29 -20.30 3.82 8.53
N PHE A 30 -19.28 3.16 9.16
CA PHE A 30 -19.37 1.72 9.53
C PHE A 30 -19.80 1.50 10.96
N SER A 31 -20.43 0.35 11.19
CA SER A 31 -20.81 -0.17 12.51
C SER A 31 -19.55 -0.32 13.39
N PRO A 32 -19.71 -0.36 14.72
CA PRO A 32 -18.51 -0.47 15.58
C PRO A 32 -17.89 -1.87 15.62
N GLU A 33 -18.57 -2.93 15.20
CA GLU A 33 -18.01 -4.26 15.32
C GLU A 33 -16.60 -4.37 14.66
N ARG A 34 -15.70 -5.09 15.33
CA ARG A 34 -14.44 -5.46 14.71
C ARG A 34 -14.38 -6.98 14.75
N PRO A 35 -14.26 -7.63 13.59
CA PRO A 35 -14.09 -7.05 12.25
C PRO A 35 -15.38 -6.54 11.64
N PHE A 36 -15.25 -5.60 10.69
CA PHE A 36 -16.37 -5.12 9.87
C PHE A 36 -16.10 -5.54 8.43
N MET A 37 -17.11 -6.11 7.77
CA MET A 37 -16.96 -6.48 6.36
C MET A 37 -18.03 -5.89 5.50
N ASP A 38 -17.65 -5.48 4.31
CA ASP A 38 -18.62 -4.99 3.33
C ASP A 38 -18.27 -5.56 1.97
N TYR A 39 -19.23 -5.56 1.05
CA TYR A 39 -19.04 -6.21 -0.21
C TYR A 39 -19.57 -5.26 -1.28
N PHE A 40 -18.85 -5.12 -2.38
CA PHE A 40 -19.31 -4.27 -3.51
C PHE A 40 -18.63 -4.70 -4.82
N ASP A 41 -18.84 -3.96 -5.91
CA ASP A 41 -18.15 -4.20 -7.19
C ASP A 41 -17.33 -3.00 -7.56
N GLY A 42 -16.32 -3.19 -8.39
CA GLY A 42 -15.52 -2.04 -8.78
C GLY A 42 -14.44 -2.40 -9.76
N VAL A 43 -13.70 -1.37 -10.20
CA VAL A 43 -12.55 -1.54 -11.07
C VAL A 43 -11.33 -1.14 -10.23
N LEU A 44 -10.28 -1.95 -10.28
CA LEU A 44 -9.03 -1.72 -9.55
C LEU A 44 -7.92 -1.39 -10.51
N MET A 45 -7.07 -0.42 -10.13
CA MET A 45 -5.83 -0.09 -10.85
C MET A 45 -4.66 -0.27 -9.88
N PHE A 46 -3.67 -1.07 -10.26
CA PHE A 46 -2.43 -1.25 -9.49
C PHE A 46 -1.30 -0.71 -10.29
N VAL A 47 -0.65 0.36 -9.81
CA VAL A 47 0.41 1.06 -10.55
C VAL A 47 1.70 0.69 -9.86
N ASP A 48 2.56 -0.04 -10.57
CA ASP A 48 3.87 -0.45 -10.08
C ASP A 48 4.81 0.75 -10.23
N ILE A 49 5.22 1.27 -9.10
CA ILE A 49 6.15 2.43 -9.05
C ILE A 49 7.55 2.01 -8.55
N SER A 50 7.86 0.70 -8.57
CA SER A 50 9.18 0.20 -8.15
C SER A 50 10.35 0.81 -8.94
N GLY A 51 10.10 1.25 -10.18
CA GLY A 51 11.10 1.88 -11.05
C GLY A 51 11.74 3.13 -10.46
N PHE A 52 10.92 4.03 -9.89
CA PHE A 52 11.53 5.22 -9.26
C PHE A 52 11.69 5.08 -7.72
N THR A 53 11.06 4.09 -7.08
CA THR A 53 11.34 3.89 -5.65
C THR A 53 12.59 3.06 -5.42
N ALA A 54 13.10 2.38 -6.48
CA ALA A 54 14.42 1.75 -6.51
C ALA A 54 15.54 2.80 -6.42
N MET A 55 15.17 4.11 -6.46
CA MET A 55 16.07 5.29 -6.32
C MET A 55 16.69 5.41 -4.92
N THR A 56 16.07 4.79 -3.88
CA THR A 56 16.51 4.85 -2.47
C THR A 56 18.04 4.61 -2.35
N GLU A 57 18.59 3.70 -3.18
CA GLU A 57 20.03 3.43 -3.33
C GLU A 57 20.87 4.61 -3.77
N LYS A 58 20.52 5.31 -4.87
CA LYS A 58 21.31 6.48 -5.28
C LYS A 58 21.29 7.58 -4.20
N PHE A 59 20.16 7.71 -3.44
CA PHE A 59 20.02 8.79 -2.48
C PHE A 59 20.70 8.48 -1.14
N SER A 60 21.18 7.26 -0.95
CA SER A 60 21.98 6.97 0.25
C SER A 60 23.49 7.36 0.07
N SER A 61 23.91 7.59 -1.17
CA SER A 61 25.26 8.04 -1.56
C SER A 61 25.72 9.32 -0.81
N ALA A 62 27.03 9.39 -0.51
CA ALA A 62 27.71 10.59 0.02
C ALA A 62 27.45 11.80 -0.89
N MET A 63 27.15 11.59 -2.21
CA MET A 63 26.94 12.74 -3.09
C MET A 63 25.79 13.66 -2.65
N TYR A 64 24.77 13.11 -1.96
CA TYR A 64 23.60 13.89 -1.50
C TYR A 64 23.86 14.61 -0.18
N MET A 65 25.09 14.45 0.32
CA MET A 65 25.55 15.26 1.44
C MET A 65 24.58 14.96 2.61
N ASP A 66 24.08 15.89 3.31
CA ASP A 66 23.31 15.20 4.38
C ASP A 66 21.80 15.15 4.07
N ARG A 67 21.46 15.26 2.77
CA ARG A 67 20.08 15.54 2.41
C ARG A 67 19.45 14.49 1.48
N GLY A 68 19.99 13.25 1.51
CA GLY A 68 19.37 12.15 0.75
C GLY A 68 17.88 11.98 0.97
N ALA A 69 17.44 11.94 2.24
CA ALA A 69 16.01 11.70 2.53
C ALA A 69 15.13 12.82 1.94
N GLU A 70 15.58 14.08 2.12
CA GLU A 70 14.83 15.27 1.68
C GLU A 70 14.75 15.28 0.13
N GLN A 71 15.88 15.01 -0.56
CA GLN A 71 15.87 14.97 -2.02
C GLN A 71 15.01 13.80 -2.50
N LEU A 72 15.12 12.63 -1.84
CA LEU A 72 14.34 11.47 -2.29
C LEU A 72 12.84 11.74 -2.21
N VAL A 73 12.35 12.19 -1.04
CA VAL A 73 10.91 12.51 -0.84
C VAL A 73 10.47 13.56 -1.88
N GLU A 74 11.30 14.60 -2.11
CA GLU A 74 10.92 15.62 -3.10
C GLU A 74 10.74 15.08 -4.54
N ILE A 75 11.69 14.30 -5.03
CA ILE A 75 11.58 13.80 -6.42
C ILE A 75 10.49 12.71 -6.52
N LEU A 76 10.42 11.83 -5.53
CA LEU A 76 9.35 10.79 -5.51
C LEU A 76 7.98 11.47 -5.54
N ASN A 77 7.75 12.45 -4.62
CA ASN A 77 6.47 13.14 -4.60
C ASN A 77 6.18 13.94 -5.84
N TYR A 78 7.22 14.48 -6.52
CA TYR A 78 6.96 15.19 -7.77
C TYR A 78 6.29 14.21 -8.79
N HIS A 79 6.87 13.03 -8.94
CA HIS A 79 6.35 12.03 -9.92
C HIS A 79 5.03 11.40 -9.43
N ILE A 80 5.00 10.94 -8.16
CA ILE A 80 3.82 10.30 -7.62
C ILE A 80 2.63 11.27 -7.60
N SER A 81 2.85 12.58 -7.26
CA SER A 81 1.77 13.58 -7.28
C SER A 81 1.05 13.64 -8.64
N ALA A 82 1.81 13.54 -9.71
CA ALA A 82 1.25 13.62 -11.06
C ALA A 82 0.36 12.39 -11.34
N ILE A 83 0.78 11.20 -10.87
CA ILE A 83 -0.04 9.96 -10.98
C ILE A 83 -1.34 10.12 -10.16
N VAL A 84 -1.21 10.55 -8.89
CA VAL A 84 -2.38 10.81 -8.03
C VAL A 84 -3.37 11.77 -8.69
N GLU A 85 -2.91 12.93 -9.22
CA GLU A 85 -3.81 13.89 -9.87
C GLU A 85 -4.57 13.22 -11.00
N LYS A 86 -3.89 12.42 -11.85
CA LYS A 86 -4.57 11.70 -12.96
C LYS A 86 -5.66 10.80 -12.43
N VAL A 87 -5.33 9.97 -11.44
CA VAL A 87 -6.32 9.05 -10.87
C VAL A 87 -7.53 9.86 -10.33
N LEU A 88 -7.25 10.92 -9.56
CA LEU A 88 -8.32 11.69 -8.93
C LEU A 88 -9.20 12.39 -9.98
N ILE A 89 -8.62 13.00 -11.03
CA ILE A 89 -9.40 13.71 -12.04
C ILE A 89 -10.25 12.72 -12.85
N PHE A 90 -9.75 11.47 -12.98
CA PHE A 90 -10.54 10.43 -13.68
C PHE A 90 -11.59 9.75 -12.75
N GLY A 91 -11.72 10.24 -11.50
CA GLY A 91 -12.79 9.80 -10.58
C GLY A 91 -12.46 8.61 -9.70
N GLY A 92 -11.19 8.26 -9.61
CA GLY A 92 -10.73 7.12 -8.80
C GLY A 92 -10.45 7.49 -7.35
N ASP A 93 -10.39 6.49 -6.49
CA ASP A 93 -10.12 6.64 -5.06
C ASP A 93 -8.80 5.93 -4.80
N ILE A 94 -7.79 6.68 -4.33
CA ILE A 94 -6.48 6.02 -4.08
C ILE A 94 -6.64 5.35 -2.72
N LEU A 95 -6.56 4.02 -2.72
CA LEU A 95 -6.73 3.23 -1.48
C LEU A 95 -5.53 3.23 -0.59
N LYS A 96 -4.35 2.96 -1.15
CA LYS A 96 -3.13 2.78 -0.34
C LYS A 96 -1.89 3.01 -1.20
N PHE A 97 -0.81 3.46 -0.56
CA PHE A 97 0.52 3.59 -1.15
C PHE A 97 1.43 2.58 -0.44
N ALA A 98 2.34 1.97 -1.21
CA ALA A 98 3.48 1.25 -0.63
C ALA A 98 4.72 1.73 -1.36
N GLY A 99 5.88 1.33 -0.86
CA GLY A 99 7.15 1.52 -1.53
C GLY A 99 7.12 1.26 -3.02
N ASP A 100 6.50 0.15 -3.46
CA ASP A 100 6.62 -0.26 -4.86
C ASP A 100 5.29 -0.09 -5.66
N ALA A 101 4.16 0.33 -5.03
CA ALA A 101 2.89 0.43 -5.72
C ALA A 101 1.89 1.42 -5.16
N LEU A 102 0.91 1.81 -6.00
CA LEU A 102 -0.29 2.37 -5.38
C LEU A 102 -1.50 1.63 -5.93
N LEU A 103 -2.56 1.55 -5.16
CA LEU A 103 -3.76 0.85 -5.57
C LEU A 103 -4.90 1.84 -5.57
N ALA A 104 -5.65 1.90 -6.68
CA ALA A 104 -6.81 2.79 -6.79
C ALA A 104 -8.06 2.00 -7.13
N LEU A 105 -9.19 2.52 -6.71
CA LEU A 105 -10.51 1.92 -6.84
C LEU A 105 -11.52 2.86 -7.48
N TRP A 106 -12.30 2.34 -8.45
CA TRP A 106 -13.53 2.97 -8.94
C TRP A 106 -14.68 2.04 -8.50
N ARG A 107 -15.36 2.41 -7.41
CA ARG A 107 -16.47 1.60 -6.91
C ARG A 107 -17.75 2.00 -7.64
N VAL A 108 -18.45 1.02 -8.22
CA VAL A 108 -19.66 1.31 -9.00
C VAL A 108 -20.62 0.13 -8.97
N GLU A 109 -21.93 0.36 -9.26
CA GLU A 109 -22.88 -0.74 -9.46
C GLU A 109 -22.43 -1.61 -10.63
N ARG A 110 -22.73 -2.93 -10.59
CA ARG A 110 -22.38 -3.94 -11.59
C ARG A 110 -22.70 -3.50 -13.04
N LYS A 111 -23.84 -2.80 -13.26
CA LYS A 111 -24.28 -2.36 -14.58
C LYS A 111 -23.33 -1.33 -15.19
N GLN A 112 -22.59 -0.63 -14.35
CA GLN A 112 -21.71 0.39 -14.85
C GLN A 112 -20.26 -0.07 -14.98
N LEU A 113 -19.94 -1.34 -14.61
CA LEU A 113 -18.53 -1.81 -14.71
C LEU A 113 -17.98 -1.62 -16.11
N LYS A 114 -18.77 -2.00 -17.15
CA LYS A 114 -18.36 -1.87 -18.53
C LYS A 114 -17.86 -0.46 -18.88
N ASN A 115 -18.69 0.60 -18.67
CA ASN A 115 -18.25 1.96 -19.01
C ASN A 115 -17.11 2.46 -18.13
N ILE A 116 -17.12 2.11 -16.85
CA ILE A 116 -16.02 2.54 -15.95
C ILE A 116 -14.69 1.93 -16.35
N ILE A 117 -14.67 0.67 -16.84
CA ILE A 117 -13.42 0.10 -17.36
C ILE A 117 -12.84 0.98 -18.47
N THR A 118 -13.70 1.47 -19.37
CA THR A 118 -13.20 2.37 -20.42
C THR A 118 -12.51 3.62 -19.82
N VAL A 119 -13.17 4.23 -18.83
CA VAL A 119 -12.60 5.40 -18.10
C VAL A 119 -11.20 5.05 -17.52
N VAL A 120 -11.10 3.89 -16.87
CA VAL A 120 -9.87 3.50 -16.14
C VAL A 120 -8.75 3.18 -17.17
N ILE A 121 -9.11 2.59 -18.33
CA ILE A 121 -8.13 2.37 -19.39
C ILE A 121 -7.59 3.69 -19.90
N LYS A 122 -8.48 4.63 -20.19
CA LYS A 122 -8.05 5.97 -20.63
C LYS A 122 -7.10 6.62 -19.59
N CYS A 123 -7.50 6.56 -18.32
CA CYS A 123 -6.66 7.09 -17.21
C CYS A 123 -5.28 6.43 -17.26
N SER A 124 -5.23 5.07 -17.34
CA SER A 124 -3.98 4.28 -17.38
C SER A 124 -3.08 4.77 -18.53
N LEU A 125 -3.64 4.97 -19.74
CA LEU A 125 -2.83 5.42 -20.87
C LEU A 125 -2.30 6.83 -20.68
N GLU A 126 -3.09 7.71 -20.03
CA GLU A 126 -2.62 9.06 -19.74
C GLU A 126 -1.53 9.04 -18.64
N ILE A 127 -1.65 8.13 -17.66
CA ILE A 127 -0.53 7.89 -16.71
C ILE A 127 0.78 7.56 -17.45
N HIS A 128 0.73 6.55 -18.34
CA HIS A 128 1.90 6.24 -19.16
C HIS A 128 2.42 7.47 -19.91
N GLY A 129 1.51 8.30 -20.44
CA GLY A 129 1.84 9.51 -21.18
C GLY A 129 2.69 10.52 -20.42
N LEU A 130 2.55 10.56 -19.07
CA LEU A 130 3.32 11.45 -18.18
C LEU A 130 4.82 11.16 -18.27
N PHE A 131 5.18 9.88 -18.49
CA PHE A 131 6.55 9.39 -18.35
C PHE A 131 7.22 9.08 -19.69
N GLU A 132 6.63 9.50 -20.83
CA GLU A 132 7.15 9.24 -22.18
C GLU A 132 8.57 9.74 -22.44
N THR A 133 8.86 11.02 -22.13
CA THR A 133 10.22 11.57 -22.24
C THR A 133 10.73 11.99 -20.87
N GLN A 134 10.89 11.00 -19.96
CA GLN A 134 11.28 11.22 -18.56
C GLN A 134 12.39 10.24 -18.12
N GLU A 135 13.38 10.74 -17.38
CA GLU A 135 14.55 9.99 -16.93
C GLU A 135 15.21 10.68 -15.73
N TRP A 136 16.39 10.15 -15.31
CA TRP A 136 17.46 10.88 -14.60
C TRP A 136 18.82 10.26 -14.94
N GLU A 137 19.89 11.08 -14.92
CA GLU A 137 21.33 10.72 -15.00
C GLU A 137 21.66 9.51 -15.94
N GLU A 138 21.10 9.53 -17.18
CA GLU A 138 21.11 8.40 -18.13
C GLU A 138 20.36 7.20 -17.48
N GLY A 139 19.04 7.18 -17.65
CA GLY A 139 18.18 6.16 -17.07
C GLY A 139 16.71 6.49 -17.12
N LEU A 140 16.04 6.11 -18.23
CA LEU A 140 14.59 6.28 -18.38
C LEU A 140 13.82 5.15 -17.64
N ASP A 141 14.38 4.73 -16.48
CA ASP A 141 13.77 3.82 -15.50
C ASP A 141 12.58 4.53 -14.80
N ILE A 142 12.33 5.79 -15.20
CA ILE A 142 11.13 6.51 -14.78
C ILE A 142 10.01 6.18 -15.79
N ARG A 143 9.50 4.94 -15.68
CA ARG A 143 8.30 4.39 -16.33
C ARG A 143 7.49 3.58 -15.28
N VAL A 144 6.20 3.32 -15.59
CA VAL A 144 5.35 2.48 -14.72
C VAL A 144 4.78 1.26 -15.45
N LYS A 145 4.24 0.34 -14.66
CA LYS A 145 3.53 -0.88 -15.15
C LYS A 145 2.15 -0.83 -14.49
N ILE A 146 1.08 -1.07 -15.27
CA ILE A 146 -0.28 -0.98 -14.73
C ILE A 146 -1.00 -2.32 -14.94
N GLY A 147 -1.60 -2.83 -13.87
CA GLY A 147 -2.55 -3.93 -13.95
C GLY A 147 -3.95 -3.43 -13.61
N LEU A 148 -4.96 -3.88 -14.38
CA LEU A 148 -6.38 -3.53 -14.10
C LEU A 148 -7.17 -4.80 -13.83
N ALA A 149 -8.11 -4.73 -12.87
CA ALA A 149 -9.02 -5.85 -12.59
C ALA A 149 -10.41 -5.29 -12.34
N ALA A 150 -11.43 -6.15 -12.42
CA ALA A 150 -12.80 -5.71 -12.14
C ALA A 150 -13.63 -6.86 -11.63
N GLY A 151 -14.62 -6.55 -10.80
CA GLY A 151 -15.55 -7.56 -10.26
C GLY A 151 -15.82 -7.36 -8.78
N HIS A 152 -16.10 -8.47 -8.08
CA HIS A 152 -16.52 -8.42 -6.69
C HIS A 152 -15.33 -8.03 -5.81
N ILE A 153 -15.55 -7.11 -4.90
CA ILE A 153 -14.52 -6.67 -3.95
C ILE A 153 -15.11 -6.75 -2.57
N SER A 154 -14.33 -7.32 -1.60
CA SER A 154 -14.72 -7.30 -0.19
C SER A 154 -13.80 -6.30 0.55
N MET A 155 -14.35 -5.62 1.55
CA MET A 155 -13.59 -4.70 2.37
C MET A 155 -13.59 -5.26 3.77
N LEU A 156 -12.46 -5.18 4.43
CA LEU A 156 -12.34 -5.58 5.80
C LEU A 156 -11.79 -4.40 6.59
N VAL A 157 -12.43 -4.07 7.72
CA VAL A 157 -11.90 -3.13 8.70
C VAL A 157 -11.69 -3.90 10.00
N PHE A 158 -10.49 -3.79 10.53
CA PHE A 158 -10.15 -4.47 11.78
C PHE A 158 -9.38 -3.49 12.70
N GLY A 159 -9.31 -3.83 13.96
CA GLY A 159 -8.63 -2.99 14.94
C GLY A 159 -9.25 -3.06 16.32
N ASP A 160 -8.82 -2.15 17.17
CA ASP A 160 -9.29 -2.11 18.54
C ASP A 160 -9.90 -0.74 18.83
N GLU A 161 -9.93 -0.34 20.13
CA GLU A 161 -10.59 0.89 20.53
C GLU A 161 -9.81 2.11 20.09
N THR A 162 -8.51 1.95 19.77
CA THR A 162 -7.66 3.12 19.49
C THR A 162 -7.11 3.17 18.05
N HIS A 163 -7.03 2.00 17.38
CA HIS A 163 -6.42 1.89 16.04
C HIS A 163 -7.32 1.11 15.10
N SER A 164 -7.37 1.51 13.84
CA SER A 164 -8.10 0.80 12.80
C SER A 164 -7.20 0.63 11.59
N HIS A 165 -7.46 -0.44 10.84
CA HIS A 165 -6.80 -0.76 9.58
C HIS A 165 -7.87 -1.26 8.63
N PHE A 166 -7.67 -1.05 7.32
CA PHE A 166 -8.56 -1.66 6.34
C PHE A 166 -7.77 -2.39 5.26
N LEU A 167 -8.44 -3.29 4.58
CA LEU A 167 -7.96 -4.05 3.43
C LEU A 167 -9.09 -4.26 2.46
N VAL A 168 -8.77 -4.25 1.14
CA VAL A 168 -9.67 -4.82 0.17
C VAL A 168 -9.14 -6.22 -0.18
N ILE A 169 -10.07 -7.16 -0.30
CA ILE A 169 -9.73 -8.55 -0.57
C ILE A 169 -10.65 -9.18 -1.64
N GLY A 170 -10.30 -10.39 -2.07
CA GLY A 170 -11.13 -11.21 -2.96
C GLY A 170 -10.48 -11.40 -4.30
N GLN A 171 -11.24 -11.97 -5.30
CA GLN A 171 -10.59 -12.42 -6.54
C GLN A 171 -10.12 -11.22 -7.39
N ALA A 172 -10.90 -10.13 -7.50
CA ALA A 172 -10.48 -8.96 -8.28
C ALA A 172 -9.18 -8.34 -7.71
N VAL A 173 -9.06 -8.28 -6.37
CA VAL A 173 -7.84 -7.88 -5.67
C VAL A 173 -6.64 -8.82 -6.05
N ASP A 174 -6.82 -10.13 -5.94
CA ASP A 174 -5.77 -11.08 -6.38
C ASP A 174 -5.42 -10.85 -7.85
N ASP A 175 -6.45 -10.70 -8.70
CA ASP A 175 -6.32 -10.48 -10.15
C ASP A 175 -5.48 -9.25 -10.49
N VAL A 176 -5.66 -8.16 -9.75
CA VAL A 176 -5.00 -6.93 -10.13
C VAL A 176 -3.48 -7.03 -9.89
N ARG A 177 -3.08 -7.72 -8.82
CA ARG A 177 -1.67 -8.00 -8.55
C ARG A 177 -1.10 -8.90 -9.63
N LEU A 178 -1.82 -10.00 -9.95
CA LEU A 178 -1.42 -10.94 -11.01
C LEU A 178 -1.22 -10.22 -12.37
N ALA A 179 -2.16 -9.32 -12.73
CA ALA A 179 -2.12 -8.50 -13.95
C ALA A 179 -0.90 -7.58 -13.97
N GLN A 180 -0.66 -6.85 -12.88
CA GLN A 180 0.48 -5.94 -12.80
C GLN A 180 1.85 -6.71 -12.86
N ASN A 181 1.96 -7.91 -12.27
CA ASN A 181 3.26 -8.63 -12.40
C ASN A 181 3.48 -9.29 -13.79
N MET A 182 2.44 -9.33 -14.67
CA MET A 182 2.61 -9.73 -16.08
C MET A 182 3.06 -8.56 -16.94
N ALA A 183 2.75 -7.31 -16.51
CA ALA A 183 3.12 -6.09 -17.24
C ALA A 183 4.63 -5.89 -17.34
N GLN A 184 5.08 -5.43 -18.52
CA GLN A 184 6.40 -4.83 -18.73
C GLN A 184 6.23 -3.31 -18.55
N MET A 185 7.34 -2.56 -18.50
CA MET A 185 7.27 -1.09 -18.48
C MET A 185 6.44 -0.57 -19.64
N ASN A 186 5.51 0.38 -19.33
CA ASN A 186 4.59 1.05 -20.26
C ASN A 186 3.36 0.18 -20.62
N ASP A 187 3.21 -1.01 -20.02
CA ASP A 187 2.05 -1.87 -20.32
C ASP A 187 0.83 -1.56 -19.47
N VAL A 188 -0.36 -1.83 -20.04
CA VAL A 188 -1.63 -1.92 -19.31
C VAL A 188 -2.14 -3.35 -19.54
N ILE A 189 -2.19 -4.15 -18.45
CA ILE A 189 -2.69 -5.54 -18.51
C ILE A 189 -4.06 -5.58 -17.87
N LEU A 190 -5.05 -6.21 -18.55
CA LEU A 190 -6.38 -6.46 -17.98
C LEU A 190 -6.47 -7.89 -17.43
N SER A 191 -6.99 -8.04 -16.19
CA SER A 191 -7.32 -9.37 -15.65
C SER A 191 -8.28 -10.13 -16.60
N PRO A 192 -8.32 -11.47 -16.57
CA PRO A 192 -9.32 -12.18 -17.41
C PRO A 192 -10.75 -11.66 -17.20
N ASN A 193 -11.20 -11.45 -15.93
CA ASN A 193 -12.57 -10.94 -15.66
C ASN A 193 -12.81 -9.51 -16.21
N CYS A 194 -11.82 -8.61 -16.02
CA CYS A 194 -11.82 -7.27 -16.64
C CYS A 194 -12.02 -7.31 -18.15
N TRP A 195 -11.23 -8.12 -18.84
CA TRP A 195 -11.38 -8.32 -20.29
C TRP A 195 -12.78 -8.85 -20.66
N GLN A 196 -13.32 -9.77 -19.85
CA GLN A 196 -14.69 -10.30 -20.06
C GLN A 196 -15.79 -9.23 -19.88
N LEU A 197 -15.58 -8.31 -18.92
CA LEU A 197 -16.59 -7.28 -18.58
C LEU A 197 -16.46 -6.00 -19.41
N CYS A 198 -15.31 -5.78 -20.10
CA CYS A 198 -15.03 -4.51 -20.75
C CYS A 198 -15.81 -4.30 -22.05
N ASP A 199 -15.75 -3.06 -22.55
CA ASP A 199 -16.35 -2.70 -23.82
C ASP A 199 -15.35 -3.02 -24.91
N ARG A 200 -15.44 -4.21 -25.49
CA ARG A 200 -14.42 -4.68 -26.48
C ARG A 200 -14.34 -3.80 -27.75
N SER A 201 -15.35 -2.95 -28.01
CA SER A 201 -15.42 -2.06 -29.18
C SER A 201 -14.46 -0.86 -29.00
N MET A 202 -14.01 -0.63 -27.79
CA MET A 202 -13.18 0.51 -27.43
C MET A 202 -11.69 0.20 -27.63
N ILE A 203 -11.32 -1.08 -27.56
CA ILE A 203 -9.91 -1.44 -27.36
C ILE A 203 -9.44 -2.51 -28.35
N GLU A 204 -8.15 -2.50 -28.66
CA GLU A 204 -7.45 -3.59 -29.34
C GLU A 204 -6.52 -4.21 -28.31
N ILE A 205 -6.62 -5.55 -28.11
CA ILE A 205 -5.78 -6.28 -27.17
C ILE A 205 -4.86 -7.27 -27.88
N GLU A 206 -3.96 -7.86 -27.09
CA GLU A 206 -3.24 -9.06 -27.50
C GLU A 206 -3.13 -10.03 -26.34
N SER A 207 -2.98 -11.32 -26.68
CA SER A 207 -2.79 -12.41 -25.73
C SER A 207 -1.54 -12.23 -24.90
N VAL A 208 -1.59 -12.73 -23.67
CA VAL A 208 -0.42 -12.84 -22.81
C VAL A 208 -0.08 -14.35 -22.76
N PRO A 209 1.13 -14.73 -23.21
CA PRO A 209 1.48 -16.18 -23.28
C PRO A 209 1.25 -16.91 -21.96
N ASP A 210 0.57 -18.08 -22.02
CA ASP A 210 0.26 -18.96 -20.87
C ASP A 210 -0.61 -18.25 -19.80
N GLN A 211 -1.47 -17.32 -20.24
CA GLN A 211 -2.33 -16.48 -19.40
C GLN A 211 -3.63 -16.14 -20.13
N ARG A 212 -4.75 -16.03 -19.39
CA ARG A 212 -6.00 -15.56 -19.96
C ARG A 212 -6.13 -14.02 -19.86
N ALA A 213 -5.25 -13.39 -19.04
CA ALA A 213 -5.16 -11.93 -18.95
C ALA A 213 -4.68 -11.40 -20.30
N VAL A 214 -5.03 -10.14 -20.63
CA VAL A 214 -4.73 -9.51 -21.93
C VAL A 214 -3.96 -8.21 -21.80
N LYS A 215 -3.18 -7.85 -22.82
CA LYS A 215 -2.49 -6.56 -22.89
C LYS A 215 -3.26 -5.58 -23.78
N VAL A 216 -3.50 -4.34 -23.29
CA VAL A 216 -4.16 -3.30 -24.11
C VAL A 216 -3.11 -2.77 -25.09
N ASN A 217 -3.34 -2.93 -26.39
CA ASN A 217 -2.43 -2.29 -27.34
C ASN A 217 -2.85 -0.88 -27.62
N PHE A 218 -4.17 -0.66 -27.81
CA PHE A 218 -4.75 0.62 -28.25
C PHE A 218 -6.14 0.77 -27.68
N LEU A 219 -6.48 1.99 -27.30
CA LEU A 219 -7.86 2.43 -27.11
C LEU A 219 -8.19 3.22 -28.37
N LYS A 220 -9.07 2.64 -29.19
CA LYS A 220 -9.54 3.13 -30.48
C LYS A 220 -11.08 3.08 -30.45
N PRO A 221 -11.66 4.17 -29.95
CA PRO A 221 -13.12 4.24 -29.79
C PRO A 221 -13.87 4.42 -31.11
N PRO A 222 -15.21 4.18 -31.15
CA PRO A 222 -15.97 4.38 -32.41
C PRO A 222 -15.96 5.81 -32.99
N PRO A 223 -16.29 5.97 -34.29
CA PRO A 223 -16.32 7.29 -34.94
C PRO A 223 -17.01 8.42 -34.21
N ASN A 224 -18.22 8.22 -33.64
CA ASN A 224 -19.03 9.29 -33.01
C ASN A 224 -18.63 9.50 -31.49
N PHE A 225 -17.60 8.81 -31.03
CA PHE A 225 -17.27 8.82 -29.60
C PHE A 225 -16.57 10.11 -29.16
N ASN A 226 -16.99 10.68 -28.01
CA ASN A 226 -16.36 11.88 -27.45
C ASN A 226 -16.04 11.55 -26.00
N PHE A 227 -14.76 11.37 -25.66
CA PHE A 227 -14.39 10.95 -24.29
C PHE A 227 -14.96 11.90 -23.21
N ASP A 228 -14.91 13.22 -23.45
CA ASP A 228 -15.37 14.19 -22.44
C ASP A 228 -16.86 14.05 -22.16
N GLU A 229 -17.71 13.98 -23.19
CA GLU A 229 -19.14 13.71 -23.01
C GLU A 229 -19.37 12.35 -22.37
N PHE A 230 -18.58 11.31 -22.77
CA PHE A 230 -18.70 9.96 -22.18
C PHE A 230 -18.34 10.00 -20.66
N PHE A 231 -17.27 10.70 -20.33
CA PHE A 231 -16.82 10.80 -18.93
C PHE A 231 -17.91 11.54 -18.12
N THR A 232 -18.51 12.62 -18.69
CA THR A 232 -19.56 13.34 -17.96
C THR A 232 -20.71 12.38 -17.63
N LYS A 233 -21.14 11.54 -18.61
CA LYS A 233 -22.18 10.53 -18.32
C LYS A 233 -21.74 9.61 -17.18
N CYS A 234 -20.50 9.15 -17.21
CA CYS A 234 -19.97 8.27 -16.16
C CYS A 234 -20.00 8.91 -14.78
N THR A 235 -19.86 10.26 -14.68
CA THR A 235 -19.83 10.92 -13.34
C THR A 235 -21.16 10.79 -12.61
N THR A 236 -22.28 10.47 -13.33
CA THR A 236 -23.58 10.21 -12.66
C THR A 236 -23.42 9.17 -11.61
N PHE A 237 -22.52 8.18 -11.87
CA PHE A 237 -22.29 7.04 -11.01
C PHE A 237 -21.18 7.23 -10.03
N MET A 238 -20.53 8.42 -10.02
CA MET A 238 -19.40 8.66 -9.09
C MET A 238 -19.88 9.56 -7.97
N HIS A 239 -20.12 8.95 -6.79
CA HIS A 239 -20.78 9.60 -5.65
C HIS A 239 -20.07 10.90 -5.22
N TYR A 240 -18.71 10.91 -5.21
CA TYR A 240 -17.92 11.98 -4.58
C TYR A 240 -17.13 12.81 -5.56
N TYR A 241 -17.48 12.73 -6.87
CA TYR A 241 -16.73 13.51 -7.85
C TYR A 241 -16.92 15.03 -7.59
N PRO A 242 -15.80 15.78 -7.39
CA PRO A 242 -15.91 17.22 -7.09
C PRO A 242 -16.68 17.91 -8.20
N SER A 243 -17.67 18.70 -7.83
CA SER A 243 -18.59 19.25 -8.85
C SER A 243 -19.20 20.61 -8.41
N GLY A 244 -19.81 21.33 -9.36
CA GLY A 244 -20.43 22.62 -9.06
C GLY A 244 -19.46 23.62 -8.49
N GLU A 245 -19.81 24.21 -7.34
CA GLU A 245 -18.93 25.15 -6.64
C GLU A 245 -17.61 24.50 -6.30
N HIS A 246 -17.56 23.14 -6.22
CA HIS A 246 -16.32 22.46 -5.80
C HIS A 246 -15.59 21.75 -6.96
N LYS A 247 -15.98 22.06 -8.24
CA LYS A 247 -15.32 21.48 -9.42
C LYS A 247 -13.81 21.81 -9.52
N ASN A 248 -13.31 22.80 -8.75
CA ASN A 248 -11.86 23.20 -8.81
C ASN A 248 -11.00 22.37 -7.82
N LEU A 249 -11.62 21.47 -7.03
CA LEU A 249 -10.94 20.71 -5.98
C LEU A 249 -10.61 19.31 -6.48
N LEU A 250 -9.49 18.73 -6.02
CA LEU A 250 -9.18 17.36 -6.45
C LEU A 250 -9.97 16.31 -5.65
N ARG A 251 -10.44 16.68 -4.44
CA ARG A 251 -11.16 15.74 -3.56
C ARG A 251 -12.24 16.52 -2.82
N LEU A 252 -13.41 15.93 -2.76
CA LEU A 252 -14.49 16.38 -1.87
C LEU A 252 -13.98 16.42 -0.42
N ALA A 253 -13.08 15.49 -0.06
CA ALA A 253 -12.56 15.45 1.32
C ALA A 253 -11.87 16.77 1.73
N CME A 254 -11.46 17.60 0.73
CA CME A 254 -10.89 18.95 1.06
CB CME A 254 -10.30 19.64 -0.17
SG CME A 254 -9.01 18.67 -0.98
SD CME A 254 -7.70 18.35 0.57
CE CME A 254 -8.26 16.67 1.02
CZ CME A 254 -7.17 15.95 1.77
OH CME A 254 -6.73 16.75 2.85
C CME A 254 -11.95 19.87 1.69
O CME A 254 -11.58 20.90 2.28
N THR A 255 -13.22 19.51 1.59
CA THR A 255 -14.33 20.34 2.08
C THR A 255 -14.86 19.86 3.41
N LEU A 256 -14.24 18.78 4.01
CA LEU A 256 -14.74 18.26 5.28
C LEU A 256 -14.75 19.34 6.34
N LYS A 257 -15.82 19.40 7.13
CA LYS A 257 -15.85 20.36 8.21
C LYS A 257 -15.64 19.64 9.56
N PRO A 258 -15.14 20.38 10.55
CA PRO A 258 -15.02 19.79 11.90
C PRO A 258 -16.27 19.03 12.35
N ASP A 259 -16.01 17.87 12.93
CA ASP A 259 -17.02 16.87 13.32
C ASP A 259 -16.26 15.95 14.26
N PRO A 260 -16.34 16.19 15.58
CA PRO A 260 -15.52 15.38 16.54
C PRO A 260 -15.73 13.86 16.45
N GLU A 261 -16.99 13.41 16.23
CA GLU A 261 -17.31 11.96 16.16
C GLU A 261 -16.57 11.36 14.89
N LEU A 262 -16.66 12.10 13.76
CA LEU A 262 -15.96 11.63 12.55
C LEU A 262 -14.46 11.65 12.72
N GLU A 263 -13.92 12.75 13.26
CA GLU A 263 -12.48 12.83 13.46
C GLU A 263 -11.96 11.75 14.41
N MET A 264 -12.70 11.45 15.49
CA MET A 264 -12.34 10.33 16.37
C MET A 264 -12.19 9.00 15.62
N SER A 265 -13.10 8.71 14.69
CA SER A 265 -13.06 7.52 13.85
C SER A 265 -11.86 7.55 12.87
N LEU A 266 -11.67 8.65 12.14
CA LEU A 266 -10.58 8.77 11.15
C LEU A 266 -9.18 8.74 11.77
N GLN A 267 -9.01 9.39 12.93
CA GLN A 267 -7.65 9.44 13.48
C GLN A 267 -7.10 8.06 13.84
N LYS A 268 -7.99 7.06 14.07
CA LYS A 268 -7.52 5.75 14.53
C LYS A 268 -6.70 5.05 13.42
N TYR A 269 -6.84 5.52 12.14
CA TYR A 269 -6.14 4.91 11.01
C TYR A 269 -4.73 5.50 10.82
N VAL A 270 -4.41 6.56 11.58
CA VAL A 270 -3.23 7.36 11.30
C VAL A 270 -2.27 7.28 12.50
N MET A 271 -0.95 7.11 12.24
CA MET A 271 0.08 7.01 13.27
C MET A 271 0.09 8.26 14.18
N GLU A 272 0.38 8.08 15.47
CA GLU A 272 0.39 9.21 16.41
C GLU A 272 1.41 10.31 15.99
N SER A 273 2.56 9.91 15.42
CA SER A 273 3.59 10.94 15.06
C SER A 273 3.07 11.77 13.87
N ILE A 274 2.26 11.16 12.99
CA ILE A 274 1.62 11.93 11.90
C ILE A 274 0.60 12.90 12.48
N LEU A 275 -0.24 12.41 13.42
CA LEU A 275 -1.20 13.29 14.13
C LEU A 275 -0.47 14.46 14.82
N LYS A 276 0.69 14.22 15.40
CA LYS A 276 1.46 15.29 16.04
C LYS A 276 1.80 16.40 15.03
N GLN A 277 2.25 16.00 13.85
CA GLN A 277 2.57 16.95 12.80
C GLN A 277 1.30 17.70 12.31
N ILE A 278 0.19 16.97 12.12
CA ILE A 278 -1.10 17.56 11.70
C ILE A 278 -1.56 18.61 12.70
N ASP A 279 -1.30 18.36 13.99
CA ASP A 279 -1.68 19.27 15.08
C ASP A 279 -0.66 20.42 15.24
N ASN A 280 0.33 20.51 14.30
CA ASN A 280 1.37 21.58 14.41
C ASN A 280 2.16 21.54 15.75
N LYS A 281 2.35 20.35 16.24
CA LYS A 281 3.15 20.08 17.45
C LYS A 281 4.47 19.41 17.14
N GLN A 282 4.77 19.27 15.85
CA GLN A 282 6.04 18.72 15.37
C GLN A 282 6.32 19.34 14.03
N LEU A 283 7.60 19.60 13.73
CA LEU A 283 7.98 20.23 12.45
C LEU A 283 7.54 19.36 11.26
N GLN A 284 7.06 20.02 10.19
CA GLN A 284 6.44 19.36 9.03
C GLN A 284 7.38 18.44 8.33
N GLY A 285 8.70 18.69 8.46
CA GLY A 285 9.74 17.91 7.80
C GLY A 285 10.38 16.81 8.64
N TYR A 286 9.98 16.65 9.93
CA TYR A 286 10.55 15.78 10.95
C TYR A 286 10.54 14.27 10.52
N LEU A 287 9.52 13.88 9.75
CA LEU A 287 9.33 12.44 9.48
C LEU A 287 10.00 12.00 8.18
N SER A 288 10.63 12.94 7.39
CA SER A 288 11.36 12.53 6.18
C SER A 288 12.79 12.21 6.64
N GLU A 289 13.17 10.92 6.61
CA GLU A 289 14.50 10.62 7.13
C GLU A 289 15.02 9.32 6.57
N LEU A 290 16.34 9.19 6.50
CA LEU A 290 17.03 7.91 6.29
C LEU A 290 17.42 7.44 7.70
N ARG A 291 16.79 6.36 8.17
CA ARG A 291 16.75 6.00 9.59
C ARG A 291 17.10 4.51 9.70
N PRO A 292 17.95 4.11 10.67
CA PRO A 292 18.13 2.65 10.87
C PRO A 292 16.91 2.10 11.57
N VAL A 293 16.33 1.04 11.01
CA VAL A 293 15.15 0.40 11.59
C VAL A 293 15.32 -1.12 11.48
N THR A 294 14.46 -1.84 12.20
CA THR A 294 14.26 -3.28 11.92
C THR A 294 12.84 -3.49 11.38
N ILE A 295 12.73 -4.10 10.19
CA ILE A 295 11.47 -4.46 9.56
C ILE A 295 11.14 -5.89 10.01
N VAL A 296 9.91 -6.06 10.49
CA VAL A 296 9.35 -7.38 10.82
C VAL A 296 8.12 -7.53 9.94
N PHE A 297 8.25 -8.35 8.89
CA PHE A 297 7.22 -8.46 7.86
C PHE A 297 6.52 -9.80 8.10
N VAL A 298 5.24 -9.73 8.51
CA VAL A 298 4.48 -10.91 8.94
C VAL A 298 3.55 -11.30 7.83
N ASN A 299 3.58 -12.54 7.38
CA ASN A 299 2.60 -13.00 6.39
C ASN A 299 1.72 -14.12 6.96
N LEU A 300 0.40 -13.98 6.79
CA LEU A 300 -0.58 -14.96 7.26
C LEU A 300 -1.28 -15.56 6.04
N MET A 301 -1.17 -16.88 5.88
CA MET A 301 -1.83 -17.58 4.76
C MET A 301 -3.06 -18.35 5.25
N PHE A 302 -4.15 -18.35 4.49
CA PHE A 302 -5.41 -18.86 5.04
C PHE A 302 -5.79 -20.20 4.54
N GLU A 303 -6.35 -21.07 5.46
CA GLU A 303 -6.81 -22.44 5.20
C GLU A 303 -7.74 -22.47 3.99
N ASP A 304 -8.88 -21.75 4.08
CA ASP A 304 -9.71 -21.42 2.93
C ASP A 304 -9.42 -19.96 2.59
N GLN A 305 -8.65 -19.75 1.52
CA GLN A 305 -8.18 -18.44 1.10
C GLN A 305 -9.30 -17.58 0.49
N ASP A 306 -10.26 -18.19 -0.23
CA ASP A 306 -11.27 -17.46 -0.98
C ASP A 306 -12.56 -17.16 -0.16
N LYS A 307 -12.51 -17.31 1.20
CA LYS A 307 -13.66 -17.00 2.06
C LYS A 307 -13.41 -15.80 3.01
N ALA A 308 -13.92 -14.61 2.62
CA ALA A 308 -13.85 -13.34 3.35
C ALA A 308 -14.43 -13.37 4.78
N GLU A 309 -15.55 -14.08 4.94
CA GLU A 309 -16.28 -14.22 6.22
C GLU A 309 -15.47 -15.06 7.21
N GLU A 310 -14.59 -15.91 6.69
CA GLU A 310 -13.66 -16.72 7.48
C GLU A 310 -12.37 -15.97 7.79
N ILE A 311 -11.82 -15.23 6.81
CA ILE A 311 -10.48 -14.66 7.04
C ILE A 311 -10.56 -13.41 7.95
N GLY A 312 -11.70 -12.71 7.91
CA GLY A 312 -11.84 -11.47 8.66
C GLY A 312 -11.64 -11.65 10.15
N PRO A 313 -12.42 -12.58 10.80
CA PRO A 313 -12.17 -12.90 12.22
C PRO A 313 -10.74 -13.32 12.54
N ALA A 314 -10.10 -14.09 11.63
CA ALA A 314 -8.71 -14.58 11.84
C ALA A 314 -7.71 -13.40 11.86
N ILE A 315 -7.88 -12.46 10.94
CA ILE A 315 -7.04 -11.27 10.86
C ILE A 315 -7.24 -10.39 12.09
N GLN A 316 -8.52 -10.18 12.50
CA GLN A 316 -8.80 -9.46 13.74
C GLN A 316 -8.06 -10.12 14.93
N ASP A 317 -8.15 -11.46 15.06
CA ASP A 317 -7.50 -12.16 16.19
C ASP A 317 -5.98 -11.99 16.16
N ALA A 318 -5.37 -12.17 14.98
CA ALA A 318 -3.93 -11.94 14.79
C ALA A 318 -3.55 -10.47 15.16
N TYR A 319 -4.27 -9.50 14.58
CA TYR A 319 -4.09 -8.08 14.85
C TYR A 319 -4.08 -7.80 16.38
N MET A 320 -5.07 -8.34 17.14
CA MET A 320 -5.12 -8.03 18.59
C MET A 320 -3.82 -8.51 19.28
N HIS A 321 -3.31 -9.68 18.88
CA HIS A 321 -2.05 -10.14 19.44
C HIS A 321 -0.86 -9.33 18.95
N ILE A 322 -0.77 -9.09 17.64
CA ILE A 322 0.35 -8.30 17.06
C ILE A 322 0.43 -6.93 17.74
N THR A 323 -0.71 -6.25 17.88
CA THR A 323 -0.66 -4.90 18.45
C THR A 323 -0.16 -4.95 19.91
N SER A 324 -0.56 -5.94 20.71
CA SER A 324 -0.08 -6.02 22.10
C SER A 324 1.42 -6.27 22.19
N VAL A 325 1.93 -7.15 21.30
CA VAL A 325 3.36 -7.45 21.22
C VAL A 325 4.16 -6.18 20.72
N LEU A 326 3.68 -5.48 19.69
CA LEU A 326 4.42 -4.32 19.20
C LEU A 326 4.45 -3.19 20.24
N LYS A 327 3.35 -3.03 21.02
CA LYS A 327 3.22 -1.96 22.04
C LYS A 327 4.40 -2.04 23.06
N ILE A 328 4.72 -3.25 23.43
CA ILE A 328 5.76 -3.46 24.45
C ILE A 328 7.11 -2.77 23.98
N PHE A 329 7.41 -2.78 22.65
CA PHE A 329 8.67 -2.18 22.18
C PHE A 329 8.51 -0.99 21.23
N GLN A 330 7.35 -0.32 21.26
CA GLN A 330 7.05 0.84 20.42
C GLN A 330 7.20 0.53 18.92
N GLY A 331 7.07 -0.77 18.57
CA GLY A 331 6.95 -1.21 17.18
C GLY A 331 5.65 -0.70 16.61
N GLN A 332 5.57 -0.55 15.30
CA GLN A 332 4.39 0.07 14.66
C GLN A 332 4.02 -0.77 13.49
N ILE A 333 2.72 -0.86 13.18
CA ILE A 333 2.26 -1.43 11.92
C ILE A 333 2.27 -0.27 10.94
N ASN A 334 3.14 -0.31 9.94
CA ASN A 334 3.19 0.74 8.90
C ASN A 334 2.17 0.51 7.78
N LYS A 335 1.99 -0.76 7.35
CA LYS A 335 1.07 -1.11 6.25
C LYS A 335 0.54 -2.49 6.50
N VAL A 336 -0.69 -2.76 6.01
CA VAL A 336 -1.24 -4.12 5.90
C VAL A 336 -1.68 -4.25 4.45
N PHE A 337 -1.37 -5.38 3.82
CA PHE A 337 -1.55 -5.63 2.39
C PHE A 337 -2.04 -7.04 2.27
N MET A 338 -2.83 -7.32 1.21
CA MET A 338 -3.29 -8.69 0.98
C MET A 338 -3.60 -8.99 -0.46
N PHE A 339 -2.90 -9.98 -1.04
CA PHE A 339 -3.12 -10.33 -2.45
C PHE A 339 -3.24 -11.81 -2.69
N ASP A 340 -2.15 -12.61 -2.65
CA ASP A 340 -2.19 -14.03 -3.04
C ASP A 340 -2.85 -14.90 -1.95
N LYS A 341 -3.87 -14.32 -1.30
CA LYS A 341 -4.49 -14.65 -0.01
C LYS A 341 -3.47 -15.06 1.03
N GLY A 342 -2.46 -14.19 1.11
CA GLY A 342 -1.70 -13.94 2.32
C GLY A 342 -1.97 -12.50 2.74
N CYS A 343 -2.29 -12.33 4.00
CA CYS A 343 -2.37 -11.00 4.59
C CYS A 343 -1.03 -10.68 5.22
N SER A 344 -0.42 -9.54 4.85
CA SER A 344 0.90 -9.22 5.38
CA SER A 344 0.92 -9.19 5.32
C SER A 344 0.93 -7.92 6.16
N PHE A 345 1.57 -7.94 7.33
CA PHE A 345 1.73 -6.77 8.20
C PHE A 345 3.17 -6.32 8.07
N LEU A 346 3.35 -5.08 7.58
CA LEU A 346 4.69 -4.48 7.55
C LEU A 346 4.89 -3.79 8.88
N CYS A 347 5.64 -4.43 9.81
CA CYS A 347 5.94 -3.85 11.12
C CYS A 347 7.33 -3.25 11.15
N VAL A 348 7.47 -2.13 11.90
CA VAL A 348 8.74 -1.38 11.95
C VAL A 348 9.10 -1.08 13.41
N PHE A 349 10.35 -1.40 13.78
CA PHE A 349 10.95 -1.07 15.09
C PHE A 349 12.02 0.01 14.84
N GLY A 350 12.02 1.05 15.66
CA GLY A 350 12.90 2.23 15.49
C GLY A 350 12.40 3.32 14.56
N PHE A 351 11.06 3.49 14.40
CA PHE A 351 10.52 4.65 13.68
C PHE A 351 10.92 5.98 14.41
N PRO A 352 10.70 7.18 13.82
CA PRO A 352 11.06 8.44 14.51
C PRO A 352 10.45 8.61 15.90
N GLY A 353 11.30 9.00 16.84
CA GLY A 353 10.93 9.26 18.23
C GLY A 353 10.50 8.04 19.01
N GLU A 354 10.85 6.83 18.54
CA GLU A 354 10.49 5.59 19.22
C GLU A 354 11.60 4.51 19.12
N LYS A 355 12.88 4.94 19.09
CA LYS A 355 14.04 4.08 18.95
C LYS A 355 14.59 3.55 20.30
N VAL A 356 14.25 2.29 20.62
CA VAL A 356 14.69 1.54 21.82
C VAL A 356 16.13 0.99 21.55
N PRO A 357 17.05 0.88 22.56
CA PRO A 357 18.42 0.38 22.28
C PRO A 357 18.51 -1.01 21.59
N ASP A 358 18.20 -2.12 22.32
CA ASP A 358 18.26 -3.54 21.88
C ASP A 358 17.16 -3.83 20.86
N GLU A 359 17.06 -2.99 19.84
CA GLU A 359 16.03 -3.17 18.82
C GLU A 359 16.02 -4.61 18.19
N LEU A 360 17.21 -5.24 18.02
CA LEU A 360 17.38 -6.51 17.30
C LEU A 360 16.86 -7.74 18.03
N THR A 361 17.31 -7.93 19.28
CA THR A 361 16.90 -8.99 20.19
C THR A 361 15.38 -8.93 20.40
N HIS A 362 14.88 -7.74 20.71
CA HIS A 362 13.46 -7.44 20.84
C HIS A 362 12.69 -7.75 19.58
N ALA A 363 13.16 -7.30 18.35
CA ALA A 363 12.48 -7.59 17.08
C ALA A 363 12.35 -9.14 16.94
N LEU A 364 13.44 -9.88 17.23
CA LEU A 364 13.42 -11.36 17.11
C LEU A 364 12.45 -12.02 18.06
N GLU A 365 12.50 -11.63 19.35
CA GLU A 365 11.56 -12.08 20.38
C GLU A 365 10.12 -11.75 20.02
N CYS A 366 9.88 -10.53 19.53
CA CYS A 366 8.53 -10.17 19.08
CA CYS A 366 8.54 -10.11 19.05
C CYS A 366 8.07 -11.01 17.93
N ALA A 367 8.95 -11.22 16.92
CA ALA A 367 8.66 -12.06 15.76
C ALA A 367 8.26 -13.46 16.24
N MET A 368 9.03 -14.05 17.21
CA MET A 368 8.72 -15.43 17.61
C MET A 368 7.38 -15.48 18.36
N ASP A 369 7.10 -14.47 19.17
CA ASP A 369 5.85 -14.38 19.93
C ASP A 369 4.61 -14.35 18.95
N ILE A 370 4.68 -13.45 18.01
CA ILE A 370 3.69 -13.33 16.92
C ILE A 370 3.54 -14.65 16.18
N PHE A 371 4.66 -15.22 15.75
CA PHE A 371 4.69 -16.52 15.05
C PHE A 371 3.94 -17.59 15.89
N ASP A 372 4.32 -17.76 17.17
CA ASP A 372 3.70 -18.80 18.00
C ASP A 372 2.19 -18.58 18.16
N PHE A 373 1.79 -17.33 18.44
CA PHE A 373 0.38 -17.03 18.67
C PHE A 373 -0.41 -17.21 17.38
N CYS A 374 0.08 -16.61 16.28
CA CYS A 374 -0.75 -16.60 15.05
C CYS A 374 -0.87 -18.00 14.46
N SER A 375 0.15 -18.84 14.69
CA SER A 375 0.12 -20.24 14.26
C SER A 375 -1.07 -21.02 14.90
N GLN A 376 -1.59 -20.53 16.04
CA GLN A 376 -2.68 -21.23 16.75
C GLN A 376 -4.05 -20.55 16.51
N VAL A 377 -4.06 -19.48 15.68
CA VAL A 377 -5.30 -18.78 15.33
C VAL A 377 -6.10 -19.66 14.36
N HIS A 378 -7.40 -19.86 14.68
CA HIS A 378 -8.34 -20.58 13.81
C HIS A 378 -8.30 -19.99 12.43
N LYS A 379 -8.15 -20.88 11.43
CA LYS A 379 -8.17 -20.59 9.99
C LYS A 379 -6.87 -20.07 9.46
N ILE A 380 -5.87 -19.81 10.33
CA ILE A 380 -4.57 -19.44 9.78
C ILE A 380 -3.78 -20.70 9.48
N GLN A 381 -3.45 -20.92 8.20
CA GLN A 381 -2.77 -22.13 7.72
C GLN A 381 -1.28 -22.10 7.95
N THR A 382 -0.62 -20.97 7.61
CA THR A 382 0.83 -20.83 7.66
C THR A 382 1.14 -19.39 8.10
N VAL A 383 2.08 -19.22 9.02
CA VAL A 383 2.60 -17.89 9.39
C VAL A 383 4.05 -17.88 8.95
N SER A 384 4.48 -16.79 8.34
CA SER A 384 5.86 -16.64 7.91
C SER A 384 6.32 -15.22 8.28
N ILE A 385 7.55 -15.07 8.82
CA ILE A 385 8.01 -13.75 9.28
C ILE A 385 9.44 -13.52 8.80
N GLY A 386 9.66 -12.42 8.06
CA GLY A 386 11.00 -12.00 7.64
C GLY A 386 11.43 -10.79 8.46
N VAL A 387 12.66 -10.85 8.98
CA VAL A 387 13.20 -9.81 9.85
C VAL A 387 14.49 -9.27 9.19
N ALA A 388 14.51 -7.99 8.83
CA ALA A 388 15.72 -7.41 8.20
C ALA A 388 15.99 -6.03 8.81
N SER A 389 17.26 -5.67 8.95
CA SER A 389 17.66 -4.45 9.67
CA SER A 389 17.64 -4.43 9.65
C SER A 389 18.66 -3.60 8.89
N GLY A 390 18.41 -2.30 8.85
CA GLY A 390 19.34 -1.40 8.20
C GLY A 390 18.68 -0.07 7.90
N ILE A 391 19.30 0.68 7.02
CA ILE A 391 18.85 2.05 6.71
C ILE A 391 17.72 2.02 5.72
N VAL A 392 16.59 2.66 6.10
CA VAL A 392 15.46 2.75 5.18
C VAL A 392 15.03 4.22 5.07
N PHE A 393 14.36 4.57 3.98
CA PHE A 393 13.78 5.90 3.83
C PHE A 393 12.42 5.84 4.47
N CYS A 394 12.10 6.84 5.30
CA CYS A 394 10.77 7.04 5.85
C CYS A 394 10.25 8.41 5.41
N GLY A 395 8.97 8.50 5.14
CA GLY A 395 8.45 9.84 4.84
C GLY A 395 7.02 9.77 4.35
N ILE A 396 6.39 10.94 4.29
CA ILE A 396 5.01 11.04 3.77
C ILE A 396 5.11 11.14 2.25
N VAL A 397 4.54 10.12 1.55
CA VAL A 397 4.65 9.98 0.11
C VAL A 397 3.27 10.19 -0.54
N GLY A 398 3.26 10.95 -1.60
CA GLY A 398 2.03 11.14 -2.39
C GLY A 398 1.81 12.60 -2.72
N HIS A 399 0.53 13.00 -2.86
CA HIS A 399 0.11 14.35 -3.19
C HIS A 399 -0.31 15.06 -1.90
N THR A 400 -0.20 16.42 -1.90
CA THR A 400 -0.77 17.21 -0.78
C THR A 400 -2.17 16.71 -0.35
N VAL A 401 -3.07 16.42 -1.32
CA VAL A 401 -4.44 16.06 -0.92
C VAL A 401 -4.62 14.54 -0.65
N ARG A 402 -3.59 13.73 -0.95
CA ARG A 402 -3.69 12.25 -0.82
C ARG A 402 -2.29 11.65 -0.70
N HIS A 403 -1.91 11.32 0.53
CA HIS A 403 -0.56 10.87 0.84
C HIS A 403 -0.54 9.97 2.06
N GLU A 404 0.53 9.17 2.21
CA GLU A 404 0.62 8.30 3.40
C GLU A 404 2.06 8.16 3.83
N TYR A 405 2.24 7.91 5.10
CA TYR A 405 3.59 7.70 5.61
C TYR A 405 4.03 6.31 5.14
N THR A 406 5.23 6.24 4.59
CA THR A 406 5.67 5.03 3.88
C THR A 406 7.14 4.75 4.22
N VAL A 407 7.52 3.46 4.20
CA VAL A 407 8.91 3.07 4.41
C VAL A 407 9.38 2.41 3.12
N ILE A 408 10.58 2.75 2.65
CA ILE A 408 11.07 2.28 1.36
C ILE A 408 12.58 1.90 1.54
N GLY A 409 12.96 0.76 1.00
CA GLY A 409 14.38 0.44 1.05
C GLY A 409 14.65 -1.01 0.75
N GLN A 410 15.92 -1.31 0.39
CA GLN A 410 16.34 -2.71 0.14
C GLN A 410 15.98 -3.61 1.32
N LYS A 411 16.10 -3.13 2.56
CA LYS A 411 15.77 -4.00 3.72
C LYS A 411 14.27 -4.28 3.83
N VAL A 412 13.42 -3.34 3.37
CA VAL A 412 11.98 -3.61 3.36
C VAL A 412 11.70 -4.71 2.33
N ASN A 413 12.31 -4.60 1.13
CA ASN A 413 12.10 -5.57 0.05
C ASN A 413 12.62 -6.96 0.49
N LEU A 414 13.72 -6.99 1.21
CA LEU A 414 14.36 -8.25 1.63
C LEU A 414 13.44 -8.96 2.63
N ALA A 415 12.97 -8.22 3.67
CA ALA A 415 12.07 -8.86 4.65
C ALA A 415 10.82 -9.42 3.96
N ALA A 416 10.24 -8.67 2.97
CA ALA A 416 9.09 -9.11 2.19
C ALA A 416 9.38 -10.40 1.41
N ARG A 417 10.55 -10.47 0.78
CA ARG A 417 10.95 -11.61 0.00
C ARG A 417 11.21 -12.80 0.89
N MET A 418 11.87 -12.58 2.04
CA MET A 418 12.18 -13.67 2.99
C MET A 418 10.91 -14.36 3.47
N MET A 419 9.84 -13.60 3.80
CA MET A 419 8.63 -14.24 4.34
C MET A 419 7.94 -15.14 3.26
N MET A 420 8.14 -14.83 1.97
CA MET A 420 7.54 -15.59 0.88
C MET A 420 8.41 -16.79 0.45
N TYR A 421 9.72 -16.60 0.36
CA TYR A 421 10.64 -17.63 -0.08
C TYR A 421 11.01 -18.63 1.03
N TYR A 422 10.77 -18.24 2.32
CA TYR A 422 11.03 -19.15 3.45
C TYR A 422 9.74 -19.21 4.31
N PRO A 423 8.68 -19.86 3.77
CA PRO A 423 7.37 -19.85 4.46
C PRO A 423 7.39 -20.72 5.72
N GLY A 424 6.56 -20.40 6.71
CA GLY A 424 6.34 -21.27 7.86
C GLY A 424 7.36 -21.13 8.97
N ILE A 425 8.34 -20.22 8.80
CA ILE A 425 9.39 -20.00 9.80
C ILE A 425 9.64 -18.48 10.03
N VAL A 426 10.40 -18.17 11.09
CA VAL A 426 10.89 -16.78 11.33
C VAL A 426 12.29 -16.77 10.73
N THR A 427 12.51 -15.84 9.78
CA THR A 427 13.84 -15.65 9.21
C THR A 427 14.45 -14.26 9.55
N CYS A 428 15.79 -14.17 9.54
CA CYS A 428 16.41 -12.86 9.72
C CYS A 428 17.65 -12.72 8.83
N ASP A 429 18.03 -11.46 8.58
CA ASP A 429 19.24 -11.18 7.79
C ASP A 429 20.51 -11.23 8.67
N SER A 430 21.67 -10.98 8.03
CA SER A 430 22.95 -11.01 8.74
C SER A 430 23.11 -9.89 9.74
N VAL A 431 22.61 -8.69 9.42
CA VAL A 431 22.67 -7.55 10.37
C VAL A 431 21.97 -7.94 11.70
N THR A 432 20.78 -8.51 11.58
CA THR A 432 20.00 -8.90 12.77
C THR A 432 20.68 -9.98 13.54
N TYR A 433 21.17 -11.02 12.84
CA TYR A 433 21.79 -12.15 13.49
C TYR A 433 23.02 -11.67 14.28
N ASN A 434 23.90 -10.92 13.61
CA ASN A 434 25.17 -10.50 14.21
C ASN A 434 24.98 -9.51 15.35
N GLY A 435 24.03 -8.61 15.20
CA GLY A 435 23.72 -7.59 16.20
C GLY A 435 23.10 -8.12 17.47
N SER A 436 22.10 -9.05 17.37
CA SER A 436 21.35 -9.64 18.50
C SER A 436 22.28 -10.04 19.68
N ASN A 437 21.83 -9.87 20.92
CA ASN A 437 22.57 -10.30 22.11
C ASN A 437 22.41 -11.81 22.36
N LEU A 438 22.06 -12.58 21.30
CA LEU A 438 21.59 -13.96 21.41
C LEU A 438 22.62 -15.02 21.01
N PRO A 439 22.65 -16.19 21.72
CA PRO A 439 23.64 -17.25 21.37
C PRO A 439 23.38 -17.86 19.98
N ALA A 440 24.46 -18.37 19.34
CA ALA A 440 24.38 -18.76 17.93
C ALA A 440 23.45 -19.95 17.68
N TYR A 441 23.36 -20.91 18.65
CA TYR A 441 22.44 -22.06 18.57
C TYR A 441 20.93 -21.66 18.60
N PHE A 442 20.60 -20.39 18.82
CA PHE A 442 19.21 -19.90 18.69
C PHE A 442 18.82 -19.77 17.22
N PHE A 443 19.80 -20.03 16.32
CA PHE A 443 19.57 -19.74 14.88
C PHE A 443 19.93 -20.94 14.04
N LYS A 444 19.49 -20.94 12.80
CA LYS A 444 19.96 -21.91 11.84
C LYS A 444 20.35 -21.18 10.57
N GLU A 445 21.58 -21.36 10.12
CA GLU A 445 22.05 -20.76 8.85
C GLU A 445 21.28 -21.45 7.67
N LEU A 446 20.68 -20.65 6.77
CA LEU A 446 19.78 -21.17 5.73
C LEU A 446 20.43 -21.36 4.35
N PRO A 447 19.89 -22.29 3.52
CA PRO A 447 20.32 -22.32 2.11
C PRO A 447 20.00 -20.97 1.46
N LYS A 448 20.88 -20.49 0.58
CA LYS A 448 20.73 -19.22 -0.15
C LYS A 448 19.69 -19.47 -1.27
N LYS A 449 18.71 -18.59 -1.39
CA LYS A 449 17.69 -18.68 -2.43
C LYS A 449 17.80 -17.45 -3.31
N VAL A 450 17.63 -17.62 -4.65
CA VAL A 450 17.57 -16.45 -5.55
C VAL A 450 16.18 -15.83 -5.39
N MET A 451 16.13 -14.59 -4.90
CA MET A 451 14.89 -13.87 -4.62
C MET A 451 14.74 -12.63 -5.49
N LYS A 452 13.53 -12.43 -6.05
CA LYS A 452 13.19 -11.32 -6.94
C LYS A 452 13.49 -9.97 -6.30
N GLY A 453 14.32 -9.19 -6.98
CA GLY A 453 14.66 -7.84 -6.56
C GLY A 453 15.73 -7.76 -5.50
N VAL A 454 16.14 -8.92 -4.95
CA VAL A 454 17.26 -8.94 -4.03
C VAL A 454 18.48 -9.46 -4.79
N ALA A 455 19.55 -8.68 -4.73
CA ALA A 455 20.86 -9.07 -5.22
C ALA A 455 21.81 -8.86 -4.06
N ASP A 456 22.59 -9.91 -3.74
CA ASP A 456 23.51 -9.97 -2.60
C ASP A 456 22.77 -9.73 -1.27
N SER A 457 21.86 -10.65 -0.90
CA SER A 457 21.08 -10.62 0.35
C SER A 457 21.95 -10.82 1.60
N GLY A 458 23.14 -11.40 1.43
CA GLY A 458 24.05 -11.84 2.49
C GLY A 458 23.58 -13.16 3.08
N PRO A 459 24.28 -13.77 4.07
CA PRO A 459 23.75 -14.99 4.69
C PRO A 459 22.41 -14.72 5.39
N LEU A 460 21.48 -15.67 5.26
CA LEU A 460 20.19 -15.59 5.95
C LEU A 460 20.05 -16.70 7.00
N TYR A 461 19.22 -16.45 8.04
CA TYR A 461 19.11 -17.34 9.17
C TYR A 461 17.67 -17.56 9.52
N GLN A 462 17.39 -18.72 10.05
CA GLN A 462 16.12 -18.98 10.71
C GLN A 462 16.35 -18.65 12.18
N TYR A 463 15.41 -17.92 12.78
CA TYR A 463 15.40 -17.78 14.22
C TYR A 463 14.68 -19.03 14.78
N TRP A 464 15.45 -19.94 15.31
CA TRP A 464 14.91 -21.22 15.79
C TRP A 464 14.27 -21.03 17.15
N GLY A 465 14.86 -20.16 17.96
CA GLY A 465 14.33 -19.84 19.30
C GLY A 465 15.21 -20.43 20.38
N ARG A 466 14.78 -20.28 21.65
CA ARG A 466 15.59 -20.64 22.85
C ARG A 466 15.82 -22.14 23.05
N THR A 467 14.97 -23.01 22.48
CA THR A 467 15.06 -24.46 22.80
C THR A 467 15.14 -25.28 21.51
N GLU A 468 15.61 -26.55 21.59
CA GLU A 468 15.53 -27.46 20.45
C GLU A 468 14.09 -27.64 20.04
N LYS A 469 13.17 -27.73 21.06
CA LYS A 469 11.72 -28.02 20.98
C LYS A 469 11.43 -29.44 20.51
C1 1ZC B . 2.25 -4.05 -2.12
C3 1ZC B . 0.47 -2.44 -2.29
C5 1ZC B . -1.15 -0.68 -2.35
C6 1ZC B . -2.09 -1.52 -1.80
C7 1ZC B . -1.78 -2.84 -1.51
C8 1ZC B . -0.48 -3.29 -1.76
C11 1ZC B . -4.04 -3.41 -0.33
C15 1ZC B . -5.10 -4.31 -0.08
O2 1ZC B . 1.77 -2.79 -2.58
C4 1ZC B . 0.14 -1.13 -2.60
C9 1ZC B . -2.73 -3.81 -0.90
O10 1ZC B . -2.43 -5.00 -0.84
N12 1ZC B . -4.40 -2.22 0.07
O13 1ZC B . -5.68 -2.38 0.55
N14 1ZC B . -6.09 -3.67 0.45
N16 1ZC B . -5.11 -5.63 -0.35
H18 1ZC B . 2.14 -4.10 -1.14
H17 1ZC B . 3.19 -4.14 -2.35
H19 1ZC B . 1.74 -4.77 -2.54
H21 1ZC B . -1.38 0.21 -2.56
H22 1ZC B . -2.96 -1.21 -1.65
H23 1ZC B . -0.25 -4.17 -1.55
H20 1ZC B . 0.78 -0.55 -2.98
H25 1ZC B . -4.64 -6.00 -0.83
H24 1ZC B . -5.72 -6.08 -0.01
C1 GOL C . 0.89 -0.59 16.17
O1 GOL C . 0.82 0.29 15.03
C2 GOL C . 1.40 0.16 17.38
O2 GOL C . 0.47 1.18 17.78
C3 GOL C . 1.73 -0.75 18.55
O3 GOL C . 0.59 -0.98 19.37
C1 GOL D . -14.59 5.23 8.80
O1 GOL D . -14.23 4.64 10.05
C2 GOL D . -16.07 5.58 8.64
O2 GOL D . -16.89 4.82 9.53
C3 GOL D . -16.18 7.05 9.01
O3 GOL D . -16.81 7.81 7.97
#